data_9IOW
#
_entry.id   9IOW
#
_cell.length_a   35.297
_cell.length_b   50.788
_cell.length_c   61.91
_cell.angle_alpha   90
_cell.angle_beta   98.634
_cell.angle_gamma   90
#
_symmetry.space_group_name_H-M   'P 1 21 1'
#
loop_
_entity.id
_entity.type
_entity.pdbx_description
1 polymer beta-lactamase
2 non-polymer '(R)-2-((R)-((R)-2-amino-2-phenylacetamido)(carboxy)methyl)-5-chloro-3,6-dihydro-2H-1,3-thiazine-4-carboxylic acid'
3 non-polymer 'CHLORIDE ION'
4 water water
#
_entity_poly.entity_id   1
_entity_poly.type   'polypeptide(L)'
_entity_poly.pdbx_seq_one_letter_code
;MGNKSDAAAKQIKKLEEDFDGRIGVFAIDTGSGNTFGYRSDERFPLCSSFKGFLAAAVLERVQQKKLDINQKVKYESRDL
EYHSPITTKYKGSGMTLGDMASAALQYSDNGATNIIMERFLGGPEGMTKFMRSIGDNEFRLDRWALELNTAIPGDKRDTS
TPKAVANSLNKLALGNVLNAKVKAIYQNWLKGNTTGDARIRASVPADWVVGDKTGSCGAYGTANDYAVIWPKNRAPLIVS
IYTTRKSKDDKHSDKTIAEASRIAIQAIDHHHHHH
;
_entity_poly.pdbx_strand_id   A
#
# COMPACT_ATOMS: atom_id res chain seq x y z
N ASN A 3 19.53 -21.26 1.97
CA ASN A 3 20.54 -20.76 0.99
C ASN A 3 19.87 -20.12 -0.24
N LYS A 4 18.65 -20.53 -0.58
CA LYS A 4 17.85 -19.87 -1.60
C LYS A 4 17.44 -18.47 -1.13
N SER A 5 17.34 -18.31 0.18
CA SER A 5 17.08 -17.04 0.82
C SER A 5 18.38 -16.22 0.98
N ASP A 6 19.51 -16.93 1.19
CA ASP A 6 20.82 -16.29 1.23
C ASP A 6 21.14 -15.72 -0.15
N ALA A 7 20.95 -16.54 -1.19
CA ALA A 7 21.08 -16.09 -2.58
C ALA A 7 20.24 -14.84 -2.89
N ALA A 8 18.97 -14.82 -2.46
CA ALA A 8 18.05 -13.71 -2.72
C ALA A 8 18.53 -12.48 -1.98
N ALA A 9 18.87 -12.66 -0.69
CA ALA A 9 19.47 -11.63 0.13
C ALA A 9 20.67 -11.01 -0.61
N LYS A 10 21.62 -11.86 -1.06
CA LYS A 10 22.78 -11.30 -1.78
C LYS A 10 22.30 -10.33 -2.86
N GLN A 11 21.35 -10.77 -3.72
CA GLN A 11 20.90 -10.02 -4.87
C GLN A 11 20.20 -8.70 -4.50
N ILE A 12 19.40 -8.70 -3.44
CA ILE A 12 18.80 -7.47 -2.97
C ILE A 12 19.94 -6.57 -2.54
N LYS A 13 20.88 -7.12 -1.76
CA LYS A 13 22.03 -6.33 -1.27
C LYS A 13 22.80 -5.64 -2.43
N LYS A 14 23.14 -6.38 -3.49
CA LYS A 14 23.73 -5.88 -4.72
C LYS A 14 22.82 -4.77 -5.22
N LEU A 15 21.52 -5.05 -5.25
CA LEU A 15 20.58 -4.15 -5.88
C LEU A 15 20.54 -2.78 -5.17
N GLU A 16 20.68 -2.81 -3.82
CA GLU A 16 20.64 -1.62 -3.00
C GLU A 16 21.93 -0.80 -3.17
N GLU A 17 23.06 -1.49 -3.36
CA GLU A 17 24.32 -0.79 -3.62
C GLU A 17 24.20 0.00 -4.92
N ASP A 18 23.76 -0.67 -6.00
CA ASP A 18 23.59 -0.09 -7.33
C ASP A 18 22.89 1.27 -7.35
N PHE A 19 21.84 1.46 -6.53
CA PHE A 19 21.09 2.70 -6.57
C PHE A 19 21.40 3.53 -5.31
N ASP A 20 22.35 3.05 -4.50
CA ASP A 20 22.75 3.78 -3.32
C ASP A 20 21.57 4.03 -2.40
N GLY A 21 20.84 2.99 -2.01
CA GLY A 21 19.69 3.30 -1.20
C GLY A 21 19.43 2.16 -0.25
N ARG A 22 18.14 1.95 0.07
CA ARG A 22 17.73 0.97 1.06
C ARG A 22 16.44 0.33 0.57
N ILE A 23 16.52 -1.02 0.44
CA ILE A 23 15.42 -1.86 0.03
C ILE A 23 14.99 -2.71 1.22
N GLY A 24 13.68 -2.67 1.52
CA GLY A 24 13.01 -3.52 2.48
C GLY A 24 11.99 -4.42 1.78
N VAL A 25 12.05 -5.72 2.12
CA VAL A 25 11.27 -6.75 1.49
C VAL A 25 10.65 -7.65 2.57
N PHE A 26 9.38 -8.01 2.34
CA PHE A 26 8.82 -9.26 2.83
C PHE A 26 7.85 -9.90 1.81
N ALA A 27 8.04 -11.18 1.53
CA ALA A 27 7.21 -11.96 0.61
C ALA A 27 6.67 -13.19 1.34
N ILE A 28 5.37 -13.55 1.16
CA ILE A 28 4.81 -14.77 1.72
C ILE A 28 4.25 -15.63 0.58
N ASP A 29 4.53 -16.95 0.59
CA ASP A 29 3.79 -17.91 -0.22
C ASP A 29 2.75 -18.68 0.62
N THR A 30 1.46 -18.30 0.46
CA THR A 30 0.37 -18.84 1.25
C THR A 30 0.05 -20.31 0.90
N GLY A 31 0.61 -20.86 -0.18
CA GLY A 31 0.33 -22.26 -0.45
C GLY A 31 1.50 -23.15 -0.05
N SER A 32 2.43 -22.62 0.71
CA SER A 32 3.62 -23.36 1.08
C SER A 32 4.12 -22.86 2.44
N GLY A 33 3.80 -21.60 2.77
CA GLY A 33 4.24 -21.09 4.04
C GLY A 33 5.59 -20.38 3.88
N ASN A 34 6.45 -20.85 2.96
CA ASN A 34 7.66 -20.13 2.58
C ASN A 34 7.56 -18.59 2.65
N THR A 35 8.42 -17.97 3.45
CA THR A 35 8.56 -16.53 3.46
C THR A 35 9.99 -16.15 3.09
N PHE A 36 10.16 -14.90 2.69
CA PHE A 36 11.48 -14.35 2.54
C PHE A 36 11.40 -12.91 3.05
N GLY A 37 12.48 -12.41 3.70
CA GLY A 37 12.54 -11.09 4.29
C GLY A 37 13.99 -10.57 4.20
N TYR A 38 14.11 -9.24 3.96
CA TYR A 38 15.30 -8.45 3.97
C TYR A 38 14.92 -7.08 4.58
N ARG A 39 15.65 -6.67 5.63
CA ARG A 39 15.33 -5.52 6.44
C ARG A 39 13.84 -5.53 6.70
N SER A 40 13.26 -6.72 6.92
CA SER A 40 11.79 -6.83 6.96
C SER A 40 11.14 -6.02 8.09
N ASP A 41 11.91 -5.75 9.19
CA ASP A 41 11.47 -5.05 10.41
C ASP A 41 12.13 -3.69 10.58
N GLU A 42 12.74 -3.18 9.52
CA GLU A 42 13.21 -1.82 9.51
C GLU A 42 12.10 -0.93 8.99
N ARG A 43 12.07 0.28 9.52
CA ARG A 43 11.06 1.26 9.18
C ARG A 43 11.39 1.94 7.85
N PHE A 44 10.30 2.10 7.04
CA PHE A 44 10.22 2.79 5.75
C PHE A 44 9.04 3.78 5.83
N PRO A 45 9.17 4.95 5.19
CA PRO A 45 8.00 5.81 4.97
C PRO A 45 6.90 5.09 4.17
N LEU A 46 5.62 5.28 4.59
CA LEU A 46 4.46 4.72 3.94
C LEU A 46 4.24 5.37 2.57
N CYS A 47 4.49 6.69 2.44
CA CYS A 47 3.89 7.47 1.35
C CYS A 47 2.39 7.09 1.24
N SER A 48 1.88 6.96 0.01
CA SER A 48 0.45 6.80 -0.30
C SER A 48 -0.05 5.42 0.09
N SER A 49 0.90 4.56 0.46
CA SER A 49 0.60 3.16 0.39
C SER A 49 -0.36 2.82 1.54
N PHE A 50 -0.51 3.70 2.54
CA PHE A 50 -1.41 3.36 3.63
C PHE A 50 -2.85 3.44 3.12
N LYS A 51 -3.08 3.98 1.90
CA LYS A 51 -4.40 4.21 1.33
C LYS A 51 -5.15 2.92 1.02
N GLY A 52 -4.38 1.86 0.62
CA GLY A 52 -4.87 0.48 0.63
C GLY A 52 -5.51 0.10 1.98
N PHE A 53 -4.96 0.59 3.11
CA PHE A 53 -5.48 0.26 4.43
C PHE A 53 -6.68 1.16 4.79
N LEU A 54 -6.58 2.44 4.45
CA LEU A 54 -7.72 3.31 4.61
C LEU A 54 -8.98 2.70 3.93
N ALA A 55 -8.85 2.29 2.68
CA ALA A 55 -9.96 1.67 1.99
C ALA A 55 -10.54 0.52 2.82
N ALA A 56 -9.69 -0.35 3.37
CA ALA A 56 -10.20 -1.49 4.13
C ALA A 56 -10.94 -1.05 5.42
N ALA A 57 -10.38 -0.05 6.13
CA ALA A 57 -10.98 0.65 7.25
C ALA A 57 -12.40 1.04 6.88
N VAL A 58 -12.54 1.58 5.65
CA VAL A 58 -13.80 2.14 5.17
C VAL A 58 -14.84 1.02 5.03
N LEU A 59 -14.45 -0.10 4.41
CA LEU A 59 -15.34 -1.25 4.29
C LEU A 59 -15.66 -1.89 5.65
N GLU A 60 -14.69 -1.87 6.56
CA GLU A 60 -14.94 -2.39 7.87
C GLU A 60 -16.13 -1.63 8.44
N ARG A 61 -16.16 -0.31 8.17
CA ARG A 61 -17.19 0.56 8.72
C ARG A 61 -18.54 0.31 8.06
N VAL A 62 -18.55 0.00 6.76
CA VAL A 62 -19.76 -0.43 6.04
C VAL A 62 -20.25 -1.75 6.64
N GLN A 63 -19.34 -2.71 6.79
CA GLN A 63 -19.79 -3.99 7.34
C GLN A 63 -20.43 -3.78 8.74
N GLN A 64 -19.98 -2.81 9.55
CA GLN A 64 -20.59 -2.67 10.87
C GLN A 64 -21.86 -1.82 10.76
N LYS A 65 -22.17 -1.35 9.53
CA LYS A 65 -23.35 -0.54 9.20
C LYS A 65 -23.22 0.88 9.81
N LYS A 66 -22.00 1.32 10.13
CA LYS A 66 -21.74 2.65 10.64
C LYS A 66 -21.86 3.63 9.49
N LEU A 67 -21.61 3.15 8.25
CA LEU A 67 -21.66 3.91 6.99
C LEU A 67 -22.35 3.07 5.91
N ASP A 68 -22.92 3.73 4.87
CA ASP A 68 -23.46 3.13 3.66
C ASP A 68 -22.48 3.39 2.50
N ILE A 69 -22.19 2.34 1.69
CA ILE A 69 -21.27 2.41 0.57
C ILE A 69 -21.74 3.40 -0.50
N ASN A 70 -23.03 3.77 -0.48
CA ASN A 70 -23.64 4.58 -1.54
C ASN A 70 -24.00 5.97 -1.03
N GLN A 71 -23.81 6.26 0.25
CA GLN A 71 -24.08 7.63 0.66
C GLN A 71 -23.16 8.57 -0.15
N LYS A 72 -23.69 9.74 -0.51
CA LYS A 72 -22.98 10.79 -1.21
C LYS A 72 -22.11 11.57 -0.21
N VAL A 73 -20.87 11.86 -0.64
CA VAL A 73 -19.90 12.64 0.09
C VAL A 73 -19.65 13.83 -0.83
N LYS A 74 -20.04 15.01 -0.33
CA LYS A 74 -20.15 16.28 -1.05
C LYS A 74 -19.01 17.19 -0.52
N TYR A 75 -18.31 17.89 -1.44
CA TYR A 75 -17.20 18.77 -1.08
C TYR A 75 -17.01 19.88 -2.12
N GLU A 76 -18.07 20.65 -2.43
CA GLU A 76 -18.05 21.52 -3.59
C GLU A 76 -17.30 22.82 -3.28
N SER A 77 -17.00 23.03 -1.99
CA SER A 77 -16.35 24.26 -1.53
C SER A 77 -14.95 23.96 -1.01
N ARG A 78 -14.48 22.71 -1.16
CA ARG A 78 -13.21 22.34 -0.54
C ARG A 78 -12.06 22.68 -1.50
N ASP A 79 -10.95 23.20 -0.96
CA ASP A 79 -9.70 23.28 -1.70
C ASP A 79 -9.01 21.92 -1.77
N LEU A 80 -8.94 21.39 -2.99
CA LEU A 80 -8.65 19.98 -3.24
C LEU A 80 -7.14 19.79 -3.21
N GLU A 81 -6.67 18.77 -2.48
CA GLU A 81 -5.23 18.48 -2.35
C GLU A 81 -4.62 18.32 -3.75
N TYR A 82 -3.40 18.75 -3.93
CA TYR A 82 -2.64 18.39 -5.10
C TYR A 82 -2.67 16.88 -5.27
N HIS A 83 -2.79 16.45 -6.54
CA HIS A 83 -2.88 15.07 -6.99
C HIS A 83 -4.17 14.42 -6.46
N SER A 84 -5.30 15.07 -6.79
CA SER A 84 -6.67 14.62 -6.60
C SER A 84 -7.33 14.49 -7.97
N PRO A 85 -6.82 13.58 -8.84
CA PRO A 85 -7.36 13.45 -10.20
C PRO A 85 -8.83 13.07 -10.20
N ILE A 86 -9.23 12.20 -9.27
CA ILE A 86 -10.61 11.71 -9.30
C ILE A 86 -11.57 12.70 -8.62
N THR A 87 -11.25 13.09 -7.40
CA THR A 87 -12.11 13.97 -6.64
C THR A 87 -12.44 15.25 -7.40
N THR A 88 -11.46 15.79 -8.18
CA THR A 88 -11.58 17.03 -9.00
C THR A 88 -12.67 16.96 -10.09
N LYS A 89 -12.81 15.84 -10.80
CA LYS A 89 -13.84 15.75 -11.82
C LYS A 89 -15.22 15.50 -11.20
N TYR A 90 -15.29 15.07 -9.93
CA TYR A 90 -16.59 14.94 -9.30
C TYR A 90 -16.87 16.08 -8.32
N LYS A 91 -16.15 17.21 -8.39
CA LYS A 91 -16.25 18.20 -7.34
C LYS A 91 -17.66 18.76 -7.23
N GLY A 92 -18.33 19.04 -8.37
CA GLY A 92 -19.62 19.70 -8.36
C GLY A 92 -20.74 18.82 -7.81
N SER A 93 -20.60 17.49 -7.92
CA SER A 93 -21.74 16.58 -7.75
C SER A 93 -21.55 15.61 -6.60
N GLY A 94 -20.36 15.53 -6.01
CA GLY A 94 -20.14 14.54 -4.99
C GLY A 94 -19.69 13.18 -5.53
N MET A 95 -19.29 12.28 -4.62
CA MET A 95 -19.02 10.87 -4.91
C MET A 95 -19.70 10.02 -3.84
N THR A 96 -20.10 8.79 -4.23
CA THR A 96 -20.42 7.75 -3.26
C THR A 96 -19.19 7.45 -2.41
N LEU A 97 -19.45 7.15 -1.13
CA LEU A 97 -18.38 6.84 -0.22
C LEU A 97 -17.50 5.73 -0.80
N GLY A 98 -18.10 4.72 -1.47
CA GLY A 98 -17.37 3.59 -2.09
C GLY A 98 -16.48 4.02 -3.25
N ASP A 99 -16.97 4.89 -4.14
CA ASP A 99 -16.17 5.52 -5.19
C ASP A 99 -15.05 6.39 -4.62
N MET A 100 -15.35 7.15 -3.58
CA MET A 100 -14.33 7.99 -2.97
C MET A 100 -13.24 7.05 -2.44
N ALA A 101 -13.63 6.07 -1.62
CA ALA A 101 -12.65 5.15 -1.07
C ALA A 101 -11.74 4.61 -2.16
N SER A 102 -12.37 4.17 -3.28
CA SER A 102 -11.69 3.44 -4.38
C SER A 102 -10.73 4.36 -5.17
N ALA A 103 -11.12 5.61 -5.41
CA ALA A 103 -10.26 6.63 -6.01
C ALA A 103 -8.95 6.80 -5.20
N ALA A 104 -9.06 6.78 -3.86
CA ALA A 104 -7.95 6.99 -2.96
C ALA A 104 -7.04 5.80 -3.15
N LEU A 105 -7.64 4.60 -3.22
CA LEU A 105 -6.85 3.41 -3.53
C LEU A 105 -6.19 3.50 -4.92
N GLN A 106 -7.02 3.43 -5.97
CA GLN A 106 -6.62 3.11 -7.34
C GLN A 106 -5.84 4.20 -8.08
N TYR A 107 -5.98 5.47 -7.65
CA TYR A 107 -5.37 6.59 -8.31
C TYR A 107 -4.53 7.39 -7.32
N SER A 108 -4.56 6.95 -6.05
CA SER A 108 -3.84 7.63 -4.99
C SER A 108 -4.30 9.11 -4.93
N ASP A 109 -5.60 9.32 -4.81
CA ASP A 109 -6.17 10.66 -4.86
C ASP A 109 -6.06 11.27 -3.46
N ASN A 110 -5.32 12.37 -3.29
CA ASN A 110 -5.05 12.92 -1.96
C ASN A 110 -6.28 13.53 -1.24
N GLY A 111 -7.13 14.25 -1.98
CA GLY A 111 -8.34 14.77 -1.36
C GLY A 111 -9.25 13.64 -0.85
N ALA A 112 -9.47 12.60 -1.70
CA ALA A 112 -10.35 11.52 -1.35
C ALA A 112 -9.89 10.98 0.00
N THR A 113 -8.57 10.79 0.10
CA THR A 113 -7.84 10.43 1.30
C THR A 113 -8.17 11.34 2.48
N ASN A 114 -7.92 12.66 2.33
CA ASN A 114 -8.09 13.59 3.44
C ASN A 114 -9.55 13.63 3.91
N ILE A 115 -10.43 13.70 2.90
CA ILE A 115 -11.85 13.81 3.12
C ILE A 115 -12.38 12.63 3.93
N ILE A 116 -11.91 11.43 3.58
CA ILE A 116 -12.22 10.18 4.22
C ILE A 116 -11.67 10.08 5.66
N MET A 117 -10.44 10.55 5.88
CA MET A 117 -9.85 10.48 7.21
C MET A 117 -10.42 11.58 8.10
N GLU A 118 -10.73 12.74 7.53
CA GLU A 118 -11.35 13.74 8.38
C GLU A 118 -12.80 13.37 8.68
N ARG A 119 -13.51 12.74 7.74
CA ARG A 119 -14.95 12.62 7.99
C ARG A 119 -15.35 11.30 8.63
N PHE A 120 -14.74 10.21 8.24
CA PHE A 120 -15.19 8.95 8.77
C PHE A 120 -14.20 8.32 9.78
N LEU A 121 -12.89 8.63 9.70
CA LEU A 121 -11.91 7.66 10.19
C LEU A 121 -11.18 8.08 11.47
N GLY A 122 -11.42 9.30 12.00
CA GLY A 122 -10.65 9.81 13.15
C GLY A 122 -9.26 10.41 12.83
N GLY A 123 -8.98 10.71 11.56
CA GLY A 123 -7.71 11.28 11.16
C GLY A 123 -6.59 10.24 11.14
N PRO A 124 -5.32 10.73 11.03
CA PRO A 124 -4.12 9.89 11.10
C PRO A 124 -4.07 8.86 12.21
N GLU A 125 -4.38 9.33 13.41
CA GLU A 125 -4.43 8.48 14.60
C GLU A 125 -5.67 7.59 14.59
N GLY A 126 -6.80 8.04 14.00
CA GLY A 126 -7.97 7.21 13.71
C GLY A 126 -7.56 5.99 12.91
N MET A 127 -6.79 6.25 11.83
CA MET A 127 -6.20 5.29 10.90
C MET A 127 -5.20 4.39 11.61
N THR A 128 -4.37 4.97 12.47
CA THR A 128 -3.45 4.18 13.31
C THR A 128 -4.30 3.20 14.10
N LYS A 129 -5.35 3.71 14.76
CA LYS A 129 -6.13 2.89 15.67
C LYS A 129 -6.61 1.65 14.94
N PHE A 130 -7.12 1.78 13.72
CA PHE A 130 -7.61 0.61 13.01
C PHE A 130 -6.48 -0.40 12.75
N MET A 131 -5.25 0.07 12.42
CA MET A 131 -4.13 -0.83 12.20
C MET A 131 -3.83 -1.59 13.49
N ARG A 132 -3.75 -0.85 14.60
CA ARG A 132 -3.67 -1.50 15.91
C ARG A 132 -4.80 -2.55 16.01
N SER A 133 -6.01 -2.30 15.46
CA SER A 133 -7.10 -3.24 15.73
C SER A 133 -7.00 -4.56 14.92
N ILE A 134 -5.96 -4.71 14.09
CA ILE A 134 -5.86 -5.97 13.35
C ILE A 134 -4.59 -6.72 13.71
N GLY A 135 -3.94 -6.33 14.82
CA GLY A 135 -2.76 -7.00 15.33
C GLY A 135 -1.44 -6.37 14.83
N ASP A 136 -1.52 -5.16 14.25
CA ASP A 136 -0.37 -4.52 13.61
C ASP A 136 0.17 -3.40 14.49
N ASN A 137 1.31 -3.68 15.14
CA ASN A 137 1.85 -2.74 16.10
C ASN A 137 2.93 -1.84 15.50
N GLU A 138 3.38 -2.14 14.26
CA GLU A 138 4.43 -1.38 13.56
C GLU A 138 3.91 -0.10 12.91
N PHE A 139 2.91 -0.19 12.02
CA PHE A 139 2.38 0.93 11.25
C PHE A 139 2.11 2.15 12.16
N ARG A 140 2.38 3.37 11.69
CA ARG A 140 1.98 4.57 12.40
C ARG A 140 1.68 5.67 11.37
N LEU A 141 0.62 6.45 11.57
CA LEU A 141 0.30 7.53 10.64
C LEU A 141 0.10 8.79 11.49
N ASP A 142 0.83 9.88 11.16
CA ASP A 142 0.95 11.06 12.01
C ASP A 142 0.45 12.31 11.29
N ARG A 143 0.42 12.31 9.96
CA ARG A 143 0.14 13.51 9.21
C ARG A 143 -0.91 13.18 8.13
N TRP A 144 -1.32 14.22 7.42
CA TRP A 144 -2.34 14.09 6.42
C TRP A 144 -1.65 13.97 5.07
N ALA A 145 -2.44 13.82 4.02
CA ALA A 145 -2.06 13.12 2.79
C ALA A 145 -0.82 13.76 2.16
N LEU A 146 -0.64 15.06 2.33
CA LEU A 146 0.57 15.65 1.73
C LEU A 146 1.76 15.66 2.68
N GLU A 147 1.56 16.17 3.90
CA GLU A 147 2.61 16.34 4.87
C GLU A 147 3.37 15.03 5.16
N LEU A 148 2.77 13.88 4.84
CA LEU A 148 3.32 12.61 5.33
C LEU A 148 4.41 12.12 4.38
N ASN A 149 4.61 12.83 3.28
CA ASN A 149 5.48 12.42 2.17
C ASN A 149 6.86 13.07 2.25
N THR A 150 7.25 13.66 3.38
CA THR A 150 8.58 14.26 3.48
C THR A 150 9.71 13.20 3.42
N ALA A 151 9.46 11.95 3.87
CA ALA A 151 10.43 10.85 3.83
C ALA A 151 11.81 11.24 4.42
N ILE A 152 11.84 12.09 5.44
CA ILE A 152 13.10 12.53 6.03
C ILE A 152 13.81 11.35 6.70
N PRO A 153 15.06 11.01 6.27
CA PRO A 153 15.80 9.90 6.85
C PRO A 153 15.86 10.00 8.36
N GLY A 154 15.61 8.88 9.05
CA GLY A 154 15.68 8.79 10.48
C GLY A 154 14.41 9.30 11.17
N ASP A 155 13.40 9.71 10.39
CA ASP A 155 12.16 10.22 11.00
C ASP A 155 11.17 9.05 11.14
N LYS A 156 10.62 8.79 12.34
CA LYS A 156 9.68 7.66 12.53
C LYS A 156 8.25 7.95 12.07
N ARG A 157 7.90 9.23 11.84
CA ARG A 157 6.56 9.60 11.43
C ARG A 157 6.22 8.98 10.08
N ASP A 158 5.01 8.40 10.02
CA ASP A 158 4.38 7.95 8.79
C ASP A 158 5.20 6.82 8.18
N THR A 159 5.56 5.86 9.05
CA THR A 159 6.39 4.76 8.60
C THR A 159 5.71 3.48 9.06
N SER A 160 6.15 2.35 8.45
CA SER A 160 5.90 0.97 8.88
C SER A 160 7.12 0.12 8.52
N THR A 161 7.05 -1.17 8.84
CA THR A 161 8.03 -2.12 8.36
C THR A 161 7.39 -2.96 7.26
N PRO A 162 8.18 -3.50 6.32
CA PRO A 162 7.64 -4.31 5.23
C PRO A 162 6.82 -5.55 5.62
N LYS A 163 7.24 -6.13 6.76
CA LYS A 163 6.67 -7.33 7.37
C LYS A 163 5.29 -6.96 7.90
N ALA A 164 5.20 -5.78 8.51
CA ALA A 164 3.94 -5.41 9.10
C ALA A 164 2.94 -5.10 7.97
N VAL A 165 3.46 -4.50 6.91
CA VAL A 165 2.57 -4.19 5.79
C VAL A 165 1.99 -5.49 5.23
N ALA A 166 2.87 -6.47 4.97
CA ALA A 166 2.55 -7.74 4.38
C ALA A 166 1.60 -8.53 5.30
N ASN A 167 1.85 -8.52 6.61
CA ASN A 167 1.01 -9.35 7.47
C ASN A 167 -0.41 -8.78 7.47
N SER A 168 -0.47 -7.44 7.43
CA SER A 168 -1.68 -6.64 7.44
C SER A 168 -2.46 -6.88 6.14
N LEU A 169 -1.75 -6.86 5.03
CA LEU A 169 -2.46 -6.91 3.77
C LEU A 169 -3.07 -8.31 3.70
N ASN A 170 -2.36 -9.27 4.31
CA ASN A 170 -2.78 -10.66 4.28
C ASN A 170 -4.06 -10.87 5.12
N LYS A 171 -4.10 -10.34 6.36
CA LYS A 171 -5.31 -10.40 7.17
C LYS A 171 -6.52 -9.79 6.42
N LEU A 172 -6.26 -8.72 5.61
CA LEU A 172 -7.30 -7.86 5.03
C LEU A 172 -7.80 -8.37 3.67
N ALA A 173 -6.81 -8.66 2.77
CA ALA A 173 -7.06 -9.15 1.42
C ALA A 173 -7.45 -10.63 1.45
N LEU A 174 -6.90 -11.41 2.40
CA LEU A 174 -7.05 -12.87 2.30
C LEU A 174 -7.68 -13.44 3.56
N GLY A 175 -7.65 -12.66 4.63
CA GLY A 175 -8.07 -13.17 5.94
C GLY A 175 -9.53 -12.84 6.23
N ASN A 176 -9.86 -12.60 7.50
CA ASN A 176 -11.25 -12.57 7.96
C ASN A 176 -11.54 -11.36 8.85
N VAL A 177 -11.00 -10.17 8.53
CA VAL A 177 -11.35 -8.91 9.19
C VAL A 177 -12.59 -8.40 8.49
N LEU A 178 -12.72 -8.73 7.20
CA LEU A 178 -13.79 -8.30 6.31
C LEU A 178 -14.47 -9.58 5.88
N ASN A 179 -15.79 -9.69 6.12
CA ASN A 179 -16.47 -10.92 5.72
C ASN A 179 -16.53 -10.97 4.18
N ALA A 180 -17.31 -11.92 3.67
CA ALA A 180 -17.26 -12.31 2.27
C ALA A 180 -17.36 -11.18 1.24
N LYS A 181 -18.50 -10.47 1.24
CA LYS A 181 -18.87 -9.69 0.08
C LYS A 181 -17.94 -8.49 0.00
N VAL A 182 -17.60 -8.00 1.20
CA VAL A 182 -16.87 -6.77 1.33
C VAL A 182 -15.37 -7.05 1.16
N LYS A 183 -14.90 -8.24 1.55
CA LYS A 183 -13.55 -8.65 1.22
C LYS A 183 -13.37 -8.73 -0.29
N ALA A 184 -14.35 -9.33 -0.98
CA ALA A 184 -14.45 -9.44 -2.44
C ALA A 184 -14.45 -8.05 -3.09
N ILE A 185 -15.23 -7.10 -2.53
CA ILE A 185 -15.13 -5.72 -3.01
C ILE A 185 -13.69 -5.22 -2.94
N TYR A 186 -13.08 -5.28 -1.75
CA TYR A 186 -11.76 -4.72 -1.53
C TYR A 186 -10.73 -5.39 -2.44
N GLN A 187 -10.75 -6.75 -2.53
CA GLN A 187 -10.00 -7.46 -3.54
C GLN A 187 -10.22 -6.78 -4.89
N ASN A 188 -11.48 -6.53 -5.32
CA ASN A 188 -11.67 -5.86 -6.61
C ASN A 188 -10.96 -4.50 -6.63
N TRP A 189 -11.04 -3.74 -5.55
CA TRP A 189 -10.42 -2.42 -5.59
C TRP A 189 -8.89 -2.52 -5.82
N LEU A 190 -8.22 -3.44 -5.11
CA LEU A 190 -6.80 -3.64 -5.27
C LEU A 190 -6.52 -4.07 -6.70
N LYS A 191 -7.33 -4.99 -7.18
CA LYS A 191 -7.15 -5.57 -8.49
C LYS A 191 -7.22 -4.44 -9.49
N GLY A 192 -7.94 -3.37 -9.15
CA GLY A 192 -8.07 -2.41 -10.21
C GLY A 192 -7.17 -1.19 -10.03
N ASN A 193 -6.09 -1.30 -9.24
CA ASN A 193 -5.21 -0.19 -8.98
C ASN A 193 -4.54 0.18 -10.30
N THR A 194 -4.32 1.48 -10.54
CA THR A 194 -3.84 1.98 -11.84
C THR A 194 -2.41 2.50 -11.77
N THR A 195 -1.80 2.57 -10.59
CA THR A 195 -0.53 3.31 -10.48
C THR A 195 0.70 2.41 -10.43
N GLY A 196 0.49 1.10 -10.58
CA GLY A 196 1.44 0.07 -10.19
C GLY A 196 2.04 -0.73 -11.35
N ASP A 197 1.84 -0.32 -12.59
CA ASP A 197 2.27 -1.09 -13.74
C ASP A 197 3.77 -1.33 -13.82
N ALA A 198 4.60 -0.44 -13.29
CA ALA A 198 6.06 -0.55 -13.45
C ALA A 198 6.68 -1.14 -12.18
N ARG A 199 5.87 -1.64 -11.22
CA ARG A 199 6.39 -2.16 -9.97
C ARG A 199 6.16 -3.67 -9.85
N ILE A 200 5.30 -4.15 -8.90
CA ILE A 200 5.12 -5.58 -8.68
C ILE A 200 4.43 -6.27 -9.86
N ARG A 201 3.42 -5.64 -10.45
CA ARG A 201 2.84 -6.18 -11.69
C ARG A 201 3.92 -6.51 -12.74
N ALA A 202 4.98 -5.68 -12.89
CA ALA A 202 5.99 -5.86 -13.95
C ALA A 202 6.88 -7.05 -13.56
N SER A 203 6.87 -7.39 -12.27
CA SER A 203 7.61 -8.53 -11.77
C SER A 203 6.97 -9.91 -12.10
N VAL A 204 5.78 -9.98 -12.73
CA VAL A 204 5.10 -11.26 -12.74
C VAL A 204 4.45 -11.54 -14.09
N PRO A 205 4.25 -12.81 -14.53
CA PRO A 205 3.62 -13.07 -15.84
C PRO A 205 2.31 -12.30 -15.95
N ALA A 206 2.05 -11.67 -17.09
CA ALA A 206 0.92 -10.73 -17.17
C ALA A 206 -0.46 -11.40 -17.08
N ASP A 207 -0.54 -12.75 -17.09
CA ASP A 207 -1.83 -13.42 -16.91
C ASP A 207 -2.07 -13.75 -15.43
N TRP A 208 -1.09 -13.53 -14.55
CA TRP A 208 -1.39 -13.61 -13.13
C TRP A 208 -2.14 -12.35 -12.67
N VAL A 209 -2.98 -12.51 -11.66
CA VAL A 209 -3.87 -11.49 -11.15
C VAL A 209 -3.20 -10.84 -9.94
N VAL A 210 -3.28 -9.49 -9.91
CA VAL A 210 -2.52 -8.66 -9.01
C VAL A 210 -3.43 -7.55 -8.53
N GLY A 211 -3.64 -7.47 -7.22
CA GLY A 211 -4.07 -6.22 -6.61
C GLY A 211 -2.91 -5.50 -5.91
N ASP A 212 -2.75 -4.16 -6.05
CA ASP A 212 -1.63 -3.53 -5.34
C ASP A 212 -2.00 -2.10 -4.94
N LYS A 213 -1.17 -1.56 -4.03
CA LYS A 213 -1.18 -0.14 -3.68
C LYS A 213 0.26 0.27 -3.67
N THR A 214 0.59 1.31 -4.46
CA THR A 214 1.91 1.91 -4.52
C THR A 214 1.96 3.11 -3.57
N GLY A 215 3.16 3.59 -3.33
CA GLY A 215 3.36 4.90 -2.70
C GLY A 215 4.61 5.53 -3.32
N SER A 216 4.62 6.88 -3.42
CA SER A 216 5.69 7.65 -4.08
C SER A 216 5.79 9.03 -3.43
N CYS A 217 6.74 9.12 -2.46
CA CYS A 217 6.89 10.25 -1.56
C CYS A 217 7.35 11.45 -2.36
N GLY A 218 8.11 11.17 -3.43
CA GLY A 218 8.74 12.21 -4.22
C GLY A 218 9.85 12.96 -3.48
N ALA A 219 10.46 12.37 -2.46
CA ALA A 219 11.70 12.88 -1.89
C ALA A 219 12.47 11.67 -1.37
N TYR A 220 13.81 11.80 -1.23
CA TYR A 220 14.66 10.70 -0.83
C TYR A 220 14.52 9.47 -1.76
N GLY A 221 14.21 9.69 -3.06
CA GLY A 221 13.90 8.58 -3.96
C GLY A 221 13.07 7.46 -3.28
N THR A 222 12.06 7.85 -2.47
CA THR A 222 11.25 6.93 -1.65
C THR A 222 9.99 6.49 -2.39
N ALA A 223 9.88 5.19 -2.65
CA ALA A 223 8.70 4.65 -3.34
C ALA A 223 8.51 3.22 -2.82
N ASN A 224 7.30 2.69 -2.92
CA ASN A 224 7.05 1.34 -2.44
C ASN A 224 5.90 0.71 -3.25
N ASP A 225 5.60 -0.55 -2.95
CA ASP A 225 4.49 -1.30 -3.50
C ASP A 225 4.24 -2.50 -2.58
N TYR A 226 2.95 -2.75 -2.32
CA TYR A 226 2.53 -4.04 -1.77
C TYR A 226 1.42 -4.67 -2.64
N ALA A 227 1.45 -6.01 -2.79
CA ALA A 227 0.53 -6.75 -3.65
C ALA A 227 0.08 -8.05 -2.98
N VAL A 228 -1.17 -8.45 -3.26
CA VAL A 228 -1.55 -9.84 -3.27
C VAL A 228 -1.46 -10.28 -4.73
N ILE A 229 -1.00 -11.49 -4.94
CA ILE A 229 -0.83 -12.00 -6.29
C ILE A 229 -1.50 -13.36 -6.36
N TRP A 230 -2.37 -13.55 -7.35
CA TRP A 230 -2.91 -14.89 -7.54
C TRP A 230 -2.23 -15.55 -8.73
N PRO A 231 -1.27 -16.47 -8.57
CA PRO A 231 -0.68 -17.14 -9.73
C PRO A 231 -1.70 -18.18 -10.19
N LYS A 232 -1.58 -18.61 -11.45
CA LYS A 232 -2.41 -19.65 -12.05
C LYS A 232 -2.15 -20.98 -11.33
N ASN A 233 -3.21 -21.75 -11.00
CA ASN A 233 -3.09 -23.09 -10.42
C ASN A 233 -2.29 -23.10 -9.10
N ARG A 234 -2.45 -22.09 -8.22
CA ARG A 234 -1.46 -21.83 -7.17
C ARG A 234 -2.11 -20.93 -6.16
N ALA A 235 -1.70 -21.09 -4.89
CA ALA A 235 -2.20 -20.29 -3.78
C ALA A 235 -1.72 -18.84 -3.92
N PRO A 236 -2.41 -17.82 -3.34
CA PRO A 236 -1.94 -16.43 -3.41
C PRO A 236 -0.56 -16.19 -2.73
N LEU A 237 0.18 -15.16 -3.22
CA LEU A 237 1.40 -14.65 -2.60
C LEU A 237 1.12 -13.24 -2.04
N ILE A 238 1.92 -12.84 -1.05
CA ILE A 238 1.94 -11.46 -0.57
C ILE A 238 3.37 -10.92 -0.77
N VAL A 239 3.48 -9.79 -1.49
CA VAL A 239 4.76 -9.15 -1.72
C VAL A 239 4.66 -7.70 -1.24
N SER A 240 5.63 -7.28 -0.43
CA SER A 240 5.72 -5.95 0.18
C SER A 240 7.13 -5.42 -0.11
N ILE A 241 7.27 -4.31 -0.85
CA ILE A 241 8.57 -3.79 -1.23
C ILE A 241 8.64 -2.32 -0.83
N TYR A 242 9.64 -1.94 0.02
CA TYR A 242 9.88 -0.54 0.38
C TYR A 242 11.29 -0.12 -0.04
N THR A 243 11.44 1.15 -0.42
CA THR A 243 12.76 1.64 -0.75
C THR A 243 12.86 3.11 -0.31
N THR A 244 14.03 3.45 0.25
CA THR A 244 14.42 4.83 0.29
C THR A 244 15.81 5.00 -0.38
N ARG A 245 16.22 6.26 -0.50
CA ARG A 245 17.51 6.56 -1.11
C ARG A 245 18.21 7.54 -0.17
N LYS A 246 19.53 7.70 -0.37
CA LYS A 246 20.38 8.57 0.41
C LYS A 246 20.10 10.06 0.17
N SER A 247 20.02 10.59 -1.07
CA SER A 247 19.95 12.04 -1.25
C SER A 247 18.49 12.46 -1.45
N LYS A 248 18.11 13.59 -0.83
CA LYS A 248 16.78 14.19 -0.91
C LYS A 248 16.27 14.27 -2.34
N ASP A 249 17.16 14.51 -3.32
CA ASP A 249 16.80 14.84 -4.69
C ASP A 249 16.82 13.59 -5.57
N ASP A 250 17.16 12.44 -4.97
CA ASP A 250 17.14 11.11 -5.57
C ASP A 250 15.74 10.81 -6.07
N LYS A 251 15.67 10.40 -7.35
CA LYS A 251 14.51 9.92 -8.06
C LYS A 251 14.22 8.48 -7.62
N HIS A 252 12.92 8.15 -7.45
CA HIS A 252 12.54 6.82 -7.01
C HIS A 252 12.84 5.95 -8.21
N SER A 253 12.88 4.62 -7.99
CA SER A 253 13.28 3.69 -9.03
C SER A 253 12.26 2.56 -9.12
N ASP A 254 11.43 2.55 -10.17
CA ASP A 254 10.40 1.54 -10.36
C ASP A 254 10.98 0.13 -10.57
N LYS A 255 12.04 0.06 -11.35
CA LYS A 255 12.70 -1.16 -11.76
C LYS A 255 13.35 -1.83 -10.56
N THR A 256 14.02 -1.04 -9.70
CA THR A 256 14.53 -1.61 -8.47
C THR A 256 13.42 -2.38 -7.74
N ILE A 257 12.23 -1.74 -7.57
CA ILE A 257 11.01 -2.34 -7.01
C ILE A 257 10.61 -3.58 -7.81
N ALA A 258 10.44 -3.44 -9.12
CA ALA A 258 10.13 -4.58 -9.98
C ALA A 258 11.16 -5.71 -9.79
N GLU A 259 12.44 -5.35 -9.65
CA GLU A 259 13.50 -6.35 -9.60
C GLU A 259 13.56 -7.01 -8.20
N ALA A 260 13.18 -6.24 -7.18
CA ALA A 260 13.27 -6.81 -5.85
C ALA A 260 12.10 -7.80 -5.63
N SER A 261 10.99 -7.55 -6.31
CA SER A 261 9.84 -8.42 -6.34
C SER A 261 10.12 -9.70 -7.13
N ARG A 262 10.76 -9.60 -8.33
CA ARG A 262 11.29 -10.77 -9.04
C ARG A 262 12.16 -11.62 -8.11
N ILE A 263 13.06 -11.00 -7.31
CA ILE A 263 13.96 -11.80 -6.50
C ILE A 263 13.24 -12.39 -5.30
N ALA A 264 12.41 -11.57 -4.65
CA ALA A 264 11.51 -12.02 -3.61
C ALA A 264 10.69 -13.21 -4.08
N ILE A 265 9.94 -13.08 -5.19
CA ILE A 265 9.06 -14.15 -5.66
C ILE A 265 9.85 -15.42 -5.92
N GLN A 266 11.14 -15.32 -6.23
CA GLN A 266 11.90 -16.52 -6.52
C GLN A 266 12.31 -17.20 -5.20
N ALA A 267 12.63 -16.38 -4.19
CA ALA A 267 13.10 -16.87 -2.90
C ALA A 267 12.02 -17.68 -2.17
N ILE A 268 10.70 -17.48 -2.47
CA ILE A 268 9.63 -18.17 -1.76
C ILE A 268 9.00 -19.33 -2.58
N ASP A 269 9.52 -19.58 -3.80
CA ASP A 269 8.95 -20.55 -4.75
C ASP A 269 9.51 -21.97 -4.61
#